data_5POT
#
_entry.id   5POT
#
_cell.length_a   55.533
_cell.length_b   56.623
_cell.length_c   101.648
_cell.angle_alpha   90.000
_cell.angle_beta   90.000
_cell.angle_gamma   90.000
#
_symmetry.space_group_name_H-M   'P 21 21 21'
#
loop_
_entity.id
_entity.type
_entity.pdbx_description
1 polymer 'Bromodomain-containing protein 1'
2 non-polymer 1,2-ETHANEDIOL
3 non-polymer N-[(3-chlorophenyl)methyl]acetamide
4 non-polymer 'SODIUM ION'
5 water water
#
_entity_poly.entity_id   1
_entity_poly.type   'polypeptide(L)'
_entity_poly.pdbx_seq_one_letter_code
;MHHHHHHSSGVDLGTENLYFQSMEQVAMELRLTELTRLLRSVLDQLQDKDPARIFAQPVSLKEVPDYLDHIKHPMDFATM
RKRLEAQGYKNLHEFEEDFDLIIDNCMKYNARDTVFYRAAVRLRDQGGVVLRQARREVDSIGLEEASGMHLPERPA
;
_entity_poly.pdbx_strand_id   A,B
#
loop_
_chem_comp.id
_chem_comp.type
_chem_comp.name
_chem_comp.formula
8U4 non-polymer N-[(3-chlorophenyl)methyl]acetamide 'C9 H10 Cl N O'
EDO non-polymer 1,2-ETHANEDIOL 'C2 H6 O2'
NA non-polymer 'SODIUM ION' 'Na 1'
#
# COMPACT_ATOMS: atom_id res chain seq x y z
N SER A 22 -27.97 -24.32 -2.57
CA SER A 22 -27.44 -25.38 -1.71
C SER A 22 -27.42 -24.95 -0.25
N MET A 23 -27.34 -25.92 0.65
CA MET A 23 -27.21 -25.61 2.07
CA MET A 23 -27.22 -25.60 2.07
C MET A 23 -25.85 -24.95 2.34
N GLU A 24 -24.83 -25.42 1.64
CA GLU A 24 -23.50 -24.87 1.82
C GLU A 24 -23.47 -23.36 1.52
N GLN A 25 -24.11 -22.97 0.42
CA GLN A 25 -24.13 -21.57 0.02
C GLN A 25 -24.84 -20.72 1.07
N VAL A 26 -25.96 -21.22 1.59
CA VAL A 26 -26.67 -20.54 2.68
C VAL A 26 -25.78 -20.39 3.92
N ALA A 27 -25.09 -21.47 4.28
CA ALA A 27 -24.18 -21.46 5.43
C ALA A 27 -23.11 -20.40 5.24
N MET A 28 -22.57 -20.34 4.03
CA MET A 28 -21.57 -19.34 3.67
C MET A 28 -22.12 -17.94 3.85
N GLU A 29 -23.34 -17.73 3.36
CA GLU A 29 -23.96 -16.42 3.42
C GLU A 29 -24.26 -16.01 4.86
N LEU A 30 -24.54 -17.00 5.71
CA LEU A 30 -24.73 -16.72 7.14
C LEU A 30 -23.42 -16.23 7.75
N ARG A 31 -22.31 -16.85 7.35
CA ARG A 31 -20.99 -16.47 7.85
C ARG A 31 -20.67 -15.03 7.43
N LEU A 32 -20.88 -14.74 6.14
CA LEU A 32 -20.69 -13.38 5.63
C LEU A 32 -21.53 -12.36 6.40
N THR A 33 -22.77 -12.72 6.70
CA THR A 33 -23.67 -11.82 7.40
C THR A 33 -23.18 -11.55 8.81
N GLU A 34 -22.64 -12.59 9.45
CA GLU A 34 -22.08 -12.44 10.77
C GLU A 34 -20.79 -11.62 10.74
N LEU A 35 -19.99 -11.83 9.69
CA LEU A 35 -18.77 -11.04 9.54
C LEU A 35 -19.13 -9.56 9.41
N THR A 36 -20.14 -9.30 8.58
CA THR A 36 -20.64 -7.94 8.34
C THR A 36 -21.12 -7.31 9.65
N ARG A 37 -21.80 -8.10 10.47
CA ARG A 37 -22.23 -7.65 11.78
C ARG A 37 -21.04 -7.25 12.64
N LEU A 38 -19.98 -8.06 12.63
CA LEU A 38 -18.80 -7.79 13.42
C LEU A 38 -18.08 -6.54 12.89
N LEU A 39 -17.90 -6.49 11.57
CA LEU A 39 -17.22 -5.38 10.92
C LEU A 39 -17.99 -4.07 11.08
N ARG A 40 -19.32 -4.15 11.17
CA ARG A 40 -20.11 -2.95 11.41
C ARG A 40 -19.80 -2.39 12.79
N SER A 41 -19.67 -3.27 13.78
CA SER A 41 -19.27 -2.87 15.12
C SER A 41 -17.86 -2.27 15.13
N VAL A 42 -16.93 -2.92 14.44
CA VAL A 42 -15.58 -2.40 14.30
C VAL A 42 -15.56 -1.00 13.66
N LEU A 43 -16.30 -0.84 12.57
CA LEU A 43 -16.32 0.43 11.86
C LEU A 43 -16.86 1.56 12.74
N ASP A 44 -17.88 1.24 13.55
CA ASP A 44 -18.43 2.24 14.44
C ASP A 44 -17.38 2.66 15.47
N GLN A 45 -16.65 1.68 15.99
CA GLN A 45 -15.62 1.96 16.97
C GLN A 45 -14.48 2.77 16.37
N LEU A 46 -14.09 2.45 15.13
CA LEU A 46 -13.04 3.22 14.47
C LEU A 46 -13.48 4.65 14.16
N GLN A 47 -14.72 4.81 13.67
CA GLN A 47 -15.19 6.14 13.34
C GLN A 47 -15.33 7.01 14.59
N ASP A 48 -15.59 6.38 15.75
CA ASP A 48 -15.63 7.11 17.01
C ASP A 48 -14.29 7.77 17.34
N LYS A 49 -13.21 7.23 16.79
CA LYS A 49 -11.88 7.79 17.05
C LYS A 49 -11.58 8.95 16.10
N ASP A 50 -12.58 9.34 15.31
CA ASP A 50 -12.51 10.51 14.42
C ASP A 50 -13.59 11.52 14.83
N PRO A 51 -13.46 12.08 16.03
CA PRO A 51 -14.57 12.93 16.49
C PRO A 51 -14.72 14.21 15.68
N ALA A 52 -13.64 14.62 15.00
CA ALA A 52 -13.68 15.79 14.13
C ALA A 52 -14.37 15.53 12.78
N ARG A 53 -14.65 14.26 12.48
CA ARG A 53 -15.27 13.83 11.23
C ARG A 53 -14.47 14.25 9.99
N ILE A 54 -13.15 14.28 10.17
CA ILE A 54 -12.25 14.57 9.07
C ILE A 54 -12.31 13.49 7.99
N PHE A 55 -12.59 12.26 8.40
CA PHE A 55 -12.59 11.13 7.46
C PHE A 55 -13.98 10.58 7.15
N ALA A 56 -15.00 11.34 7.53
CA ALA A 56 -16.38 10.86 7.40
C ALA A 56 -16.85 10.76 5.96
N GLN A 57 -16.39 11.66 5.10
CA GLN A 57 -16.87 11.75 3.72
C GLN A 57 -15.71 11.80 2.74
N PRO A 58 -15.96 11.47 1.46
CA PRO A 58 -14.88 11.62 0.48
C PRO A 58 -14.34 13.03 0.47
N VAL A 59 -13.04 13.17 0.29
CA VAL A 59 -12.46 14.48 0.03
C VAL A 59 -13.18 15.07 -1.19
N SER A 60 -13.69 16.29 -1.04
CA SER A 60 -14.44 16.95 -2.10
C SER A 60 -13.57 17.38 -3.29
N LEU A 61 -13.89 16.86 -4.47
CA LEU A 61 -13.11 17.19 -5.67
C LEU A 61 -13.48 18.58 -6.17
N LYS A 62 -14.46 19.21 -5.53
CA LYS A 62 -14.76 20.61 -5.81
C LYS A 62 -13.88 21.52 -4.96
N GLU A 63 -13.68 21.15 -3.71
CA GLU A 63 -12.83 21.92 -2.81
C GLU A 63 -11.34 21.61 -3.00
N VAL A 64 -11.04 20.40 -3.46
CA VAL A 64 -9.67 20.00 -3.79
C VAL A 64 -9.63 19.44 -5.20
N PRO A 65 -9.68 20.32 -6.21
CA PRO A 65 -9.78 19.84 -7.59
C PRO A 65 -8.61 18.98 -8.06
N ASP A 66 -7.43 19.10 -7.44
CA ASP A 66 -6.28 18.31 -7.87
C ASP A 66 -6.10 17.03 -7.06
N TYR A 67 -7.04 16.69 -6.19
CA TYR A 67 -6.83 15.58 -5.25
C TYR A 67 -6.44 14.28 -5.94
N LEU A 68 -7.07 13.97 -7.07
CA LEU A 68 -6.82 12.69 -7.74
C LEU A 68 -5.48 12.67 -8.47
N ASP A 69 -4.86 13.83 -8.65
CA ASP A 69 -3.48 13.86 -9.16
C ASP A 69 -2.51 13.36 -8.09
N HIS A 70 -2.93 13.48 -6.84
CA HIS A 70 -2.10 13.07 -5.71
C HIS A 70 -2.40 11.67 -5.22
N ILE A 71 -3.68 11.40 -5.03
CA ILE A 71 -4.16 10.19 -4.40
C ILE A 71 -4.92 9.33 -5.43
N LYS A 72 -4.41 8.12 -5.68
CA LYS A 72 -4.99 7.31 -6.75
C LYS A 72 -6.15 6.44 -6.29
N HIS A 73 -6.25 6.19 -4.99
CA HIS A 73 -7.34 5.39 -4.45
C HIS A 73 -7.95 6.03 -3.20
N PRO A 74 -8.81 7.04 -3.41
CA PRO A 74 -9.47 7.71 -2.30
C PRO A 74 -10.32 6.77 -1.43
N MET A 75 -10.41 7.08 -0.14
CA MET A 75 -11.27 6.30 0.73
C MET A 75 -11.73 7.16 1.91
N ASP A 76 -12.85 6.77 2.50
CA ASP A 76 -13.45 7.49 3.62
C ASP A 76 -14.44 6.58 4.32
N PHE A 77 -14.92 6.97 5.50
CA PHE A 77 -15.82 6.10 6.27
C PHE A 77 -17.18 5.88 5.59
N ALA A 78 -17.72 6.90 4.92
CA ALA A 78 -19.01 6.74 4.25
C ALA A 78 -18.93 5.71 3.12
N THR A 79 -17.84 5.75 2.38
CA THR A 79 -17.64 4.83 1.27
C THR A 79 -17.46 3.41 1.82
N MET A 80 -16.71 3.27 2.92
CA MET A 80 -16.56 1.95 3.56
C MET A 80 -17.91 1.41 4.01
N ARG A 81 -18.75 2.29 4.54
CA ARG A 81 -20.04 1.88 5.09
C ARG A 81 -20.95 1.38 3.97
N LYS A 82 -20.90 2.05 2.83
CA LYS A 82 -21.65 1.61 1.65
C LYS A 82 -21.24 0.20 1.25
N ARG A 83 -19.93 -0.02 1.11
CA ARG A 83 -19.45 -1.35 0.76
C ARG A 83 -19.82 -2.36 1.84
N LEU A 84 -19.70 -1.96 3.09
CA LEU A 84 -20.02 -2.87 4.21
C LEU A 84 -21.46 -3.38 4.18
N GLU A 85 -22.41 -2.46 4.02
CA GLU A 85 -23.81 -2.82 4.07
C GLU A 85 -24.24 -3.57 2.81
N ALA A 86 -23.42 -3.52 1.77
CA ALA A 86 -23.65 -4.35 0.60
C ALA A 86 -22.96 -5.71 0.74
N GLN A 87 -22.52 -6.00 1.96
CA GLN A 87 -21.71 -7.18 2.27
C GLN A 87 -20.52 -7.35 1.32
N GLY A 88 -19.82 -6.24 1.07
CA GLY A 88 -18.74 -6.23 0.10
C GLY A 88 -17.35 -6.52 0.66
N TYR A 89 -17.24 -6.76 1.96
CA TYR A 89 -15.97 -7.20 2.54
C TYR A 89 -16.02 -8.69 2.85
N LYS A 90 -15.23 -9.48 2.11
CA LYS A 90 -15.24 -10.94 2.25
C LYS A 90 -14.46 -11.42 3.47
N ASN A 91 -13.51 -10.62 3.92
CA ASN A 91 -12.66 -10.96 5.07
C ASN A 91 -12.19 -9.68 5.75
N LEU A 92 -11.55 -9.83 6.91
CA LEU A 92 -11.09 -8.66 7.66
C LEU A 92 -9.96 -7.93 6.92
N HIS A 93 -9.13 -8.67 6.20
CA HIS A 93 -8.03 -8.06 5.47
C HIS A 93 -8.52 -7.00 4.48
N GLU A 94 -9.59 -7.30 3.73
CA GLU A 94 -10.14 -6.35 2.77
C GLU A 94 -10.63 -5.07 3.45
N PHE A 95 -11.25 -5.22 4.62
CA PHE A 95 -11.73 -4.11 5.44
C PHE A 95 -10.56 -3.28 5.94
N GLU A 96 -9.55 -3.95 6.47
CA GLU A 96 -8.34 -3.25 6.92
C GLU A 96 -7.62 -2.50 5.80
N GLU A 97 -7.61 -3.06 4.60
N GLU A 97 -7.62 -3.01 4.59
CA GLU A 97 -7.00 -2.38 3.46
CA GLU A 97 -6.91 -2.33 3.51
C GLU A 97 -7.60 -1.01 3.27
C GLU A 97 -7.62 -1.03 3.08
N ASP A 98 -8.94 -0.95 3.31
CA ASP A 98 -9.66 0.31 3.11
C ASP A 98 -9.39 1.28 4.26
N PHE A 99 -9.39 0.78 5.50
CA PHE A 99 -9.09 1.63 6.66
C PHE A 99 -7.68 2.23 6.51
N ASP A 100 -6.74 1.39 6.11
CA ASP A 100 -5.38 1.88 5.95
C ASP A 100 -5.28 2.93 4.84
N LEU A 101 -6.10 2.82 3.80
CA LEU A 101 -6.12 3.84 2.74
C LEU A 101 -6.53 5.20 3.27
N ILE A 102 -7.53 5.21 4.14
CA ILE A 102 -7.98 6.47 4.72
C ILE A 102 -6.80 7.19 5.39
N ILE A 103 -6.07 6.44 6.21
CA ILE A 103 -4.91 6.92 6.95
CA ILE A 103 -4.94 6.98 6.95
C ILE A 103 -3.76 7.32 6.04
N ASP A 104 -3.38 6.39 5.18
CA ASP A 104 -2.18 6.61 4.36
C ASP A 104 -2.35 7.71 3.33
N ASN A 105 -3.54 7.81 2.73
CA ASN A 105 -3.83 8.91 1.79
C ASN A 105 -3.65 10.26 2.48
N CYS A 106 -4.17 10.33 3.70
CA CYS A 106 -4.14 11.58 4.45
C CYS A 106 -2.72 11.98 4.84
N MET A 107 -1.92 11.00 5.22
CA MET A 107 -0.56 11.27 5.64
C MET A 107 0.35 11.62 4.47
N LYS A 108 -0.08 11.34 3.24
CA LYS A 108 0.70 11.80 2.09
CA LYS A 108 0.63 11.77 2.02
C LYS A 108 0.23 13.18 1.62
N TYR A 109 -1.08 13.39 1.50
CA TYR A 109 -1.59 14.63 0.96
C TYR A 109 -1.31 15.82 1.87
N ASN A 110 -1.40 15.59 3.17
CA ASN A 110 -1.26 16.67 4.14
C ASN A 110 0.09 16.64 4.84
N ALA A 111 0.63 17.82 5.15
CA ALA A 111 1.92 17.87 5.82
C ALA A 111 1.82 17.52 7.30
N ARG A 112 2.96 17.16 7.89
CA ARG A 112 3.03 16.82 9.31
C ARG A 112 2.48 17.85 10.28
N ASP A 113 2.55 19.13 9.91
CA ASP A 113 2.12 20.19 10.81
C ASP A 113 0.66 20.59 10.60
N THR A 114 -0.17 19.62 10.23
CA THR A 114 -1.58 19.94 9.96
C THR A 114 -2.48 19.11 10.86
N VAL A 115 -3.67 19.65 11.12
CA VAL A 115 -4.66 18.94 11.92
C VAL A 115 -5.09 17.66 11.21
N PHE A 116 -5.02 17.67 9.87
CA PHE A 116 -5.40 16.49 9.09
C PHE A 116 -4.42 15.34 9.29
N TYR A 117 -3.14 15.61 9.12
CA TYR A 117 -2.14 14.56 9.31
C TYR A 117 -2.21 14.03 10.73
N ARG A 118 -2.34 14.96 11.69
CA ARG A 118 -2.30 14.55 13.08
C ARG A 118 -3.54 13.71 13.42
N ALA A 119 -4.68 14.01 12.79
CA ALA A 119 -5.88 13.22 13.03
C ALA A 119 -5.71 11.80 12.50
N ALA A 120 -4.99 11.65 11.40
CA ALA A 120 -4.75 10.32 10.84
C ALA A 120 -3.83 9.51 11.75
N VAL A 121 -2.80 10.15 12.31
CA VAL A 121 -1.92 9.45 13.23
C VAL A 121 -2.69 8.95 14.44
N ARG A 122 -3.54 9.80 15.00
CA ARG A 122 -4.31 9.45 16.18
C ARG A 122 -5.30 8.35 15.87
N LEU A 123 -5.92 8.41 14.70
CA LEU A 123 -6.86 7.36 14.27
C LEU A 123 -6.14 6.02 14.09
N ARG A 124 -4.94 6.06 13.52
CA ARG A 124 -4.13 4.86 13.35
CA ARG A 124 -4.18 4.83 13.36
C ARG A 124 -3.79 4.24 14.71
N ASP A 125 -3.32 5.10 15.62
CA ASP A 125 -2.87 4.62 16.92
C ASP A 125 -4.02 4.01 17.72
N GLN A 126 -5.13 4.74 17.81
CA GLN A 126 -6.27 4.30 18.61
CA GLN A 126 -6.26 4.31 18.61
C GLN A 126 -6.99 3.13 17.95
N GLY A 127 -6.93 3.08 16.63
CA GLY A 127 -7.60 2.02 15.90
C GLY A 127 -6.94 0.67 16.05
N GLY A 128 -5.65 0.67 16.33
CA GLY A 128 -4.87 -0.56 16.45
C GLY A 128 -5.42 -1.51 17.48
N VAL A 129 -5.84 -0.95 18.62
CA VAL A 129 -6.43 -1.72 19.70
C VAL A 129 -7.70 -2.44 19.25
N VAL A 130 -8.55 -1.70 18.54
CA VAL A 130 -9.81 -2.22 18.04
C VAL A 130 -9.57 -3.33 17.04
N LEU A 131 -8.64 -3.10 16.11
CA LEU A 131 -8.36 -4.07 15.05
C LEU A 131 -7.64 -5.31 15.57
N ARG A 132 -6.83 -5.15 16.61
CA ARG A 132 -6.14 -6.27 17.23
C ARG A 132 -7.13 -7.28 17.77
N GLN A 133 -8.16 -6.81 18.45
CA GLN A 133 -9.15 -7.70 19.03
C GLN A 133 -10.10 -8.24 17.97
N ALA A 134 -10.37 -7.41 16.96
CA ALA A 134 -11.22 -7.85 15.86
C ALA A 134 -10.62 -9.06 15.15
N ARG A 135 -9.31 -9.03 14.93
CA ARG A 135 -8.62 -10.15 14.30
C ARG A 135 -8.75 -11.42 15.13
N ARG A 136 -8.59 -11.29 16.44
CA ARG A 136 -8.74 -12.43 17.34
C ARG A 136 -10.16 -13.00 17.27
N GLU A 137 -11.16 -12.12 17.19
CA GLU A 137 -12.56 -12.53 17.18
C GLU A 137 -12.95 -13.22 15.88
N VAL A 138 -12.44 -12.70 14.77
CA VAL A 138 -12.75 -13.28 13.46
C VAL A 138 -12.15 -14.68 13.38
N ASP A 139 -10.92 -14.82 13.87
CA ASP A 139 -10.25 -16.12 13.96
C ASP A 139 -11.00 -17.08 14.88
N SER A 140 -11.24 -16.65 16.10
CA SER A 140 -11.86 -17.49 17.12
C SER A 140 -13.22 -18.01 16.69
N ILE A 141 -14.09 -17.11 16.25
CA ILE A 141 -15.43 -17.49 15.84
C ILE A 141 -15.42 -18.19 14.48
N GLY A 142 -14.31 -18.07 13.77
CA GLY A 142 -14.17 -18.69 12.47
C GLY A 142 -14.37 -17.71 11.32
N SER B 22 15.64 -33.57 -12.57
CA SER B 22 14.30 -33.84 -13.07
C SER B 22 13.81 -32.69 -13.92
N MET B 23 12.84 -32.95 -14.77
N MET B 23 12.81 -32.95 -14.75
CA MET B 23 12.31 -31.92 -15.67
CA MET B 23 12.22 -31.90 -15.59
C MET B 23 11.60 -30.84 -14.87
C MET B 23 11.54 -30.82 -14.75
N GLU B 24 11.09 -31.20 -13.70
N GLU B 24 10.98 -31.19 -13.60
CA GLU B 24 10.44 -30.24 -12.81
CA GLU B 24 10.39 -30.22 -12.67
C GLU B 24 11.45 -29.26 -12.20
C GLU B 24 11.46 -29.24 -12.18
N GLN B 25 12.62 -29.77 -11.83
CA GLN B 25 13.70 -28.92 -11.33
C GLN B 25 14.17 -27.96 -12.42
N VAL B 26 14.30 -28.47 -13.64
CA VAL B 26 14.77 -27.64 -14.74
C VAL B 26 13.78 -26.50 -14.97
N ALA B 27 12.50 -26.82 -15.00
CA ALA B 27 11.48 -25.79 -15.21
C ALA B 27 11.47 -24.75 -14.07
N MET B 28 11.61 -25.20 -12.83
CA MET B 28 11.61 -24.24 -11.73
C MET B 28 12.83 -23.31 -11.77
N GLU B 29 14.00 -23.86 -12.09
CA GLU B 29 15.18 -23.02 -12.20
C GLU B 29 15.06 -22.03 -13.36
N LEU B 30 14.46 -22.47 -14.47
CA LEU B 30 14.23 -21.55 -15.58
C LEU B 30 13.32 -20.41 -15.19
N ARG B 31 12.25 -20.72 -14.46
CA ARG B 31 11.31 -19.66 -14.05
C ARG B 31 11.98 -18.69 -13.09
N LEU B 32 12.87 -19.19 -12.25
CA LEU B 32 13.66 -18.35 -11.34
C LEU B 32 14.56 -17.40 -12.11
N THR B 33 15.32 -17.93 -13.08
CA THR B 33 16.30 -17.09 -13.74
C THR B 33 15.62 -16.08 -14.69
N GLU B 34 14.49 -16.48 -15.28
CA GLU B 34 13.75 -15.57 -16.15
C GLU B 34 13.06 -14.45 -15.35
N LEU B 35 12.53 -14.78 -14.18
CA LEU B 35 12.02 -13.76 -13.26
C LEU B 35 13.12 -12.78 -12.90
N THR B 36 14.30 -13.29 -12.56
CA THR B 36 15.39 -12.40 -12.16
C THR B 36 15.83 -11.50 -13.32
N ARG B 37 15.88 -12.06 -14.54
CA ARG B 37 16.20 -11.27 -15.73
CA ARG B 37 16.21 -11.28 -15.72
C ARG B 37 15.22 -10.12 -15.90
N LEU B 38 13.94 -10.42 -15.75
CA LEU B 38 12.89 -9.40 -15.91
C LEU B 38 13.01 -8.33 -14.82
N LEU B 39 13.15 -8.74 -13.58
CA LEU B 39 13.21 -7.76 -12.50
C LEU B 39 14.47 -6.89 -12.60
N ARG B 40 15.57 -7.46 -13.06
CA ARG B 40 16.81 -6.69 -13.22
C ARG B 40 16.58 -5.57 -14.24
N SER B 41 15.94 -5.91 -15.35
CA SER B 41 15.64 -4.90 -16.38
C SER B 41 14.66 -3.84 -15.86
N VAL B 42 13.65 -4.29 -15.11
CA VAL B 42 12.69 -3.34 -14.54
C VAL B 42 13.39 -2.38 -13.59
N LEU B 43 14.22 -2.92 -12.69
CA LEU B 43 14.90 -2.06 -11.73
C LEU B 43 15.82 -1.06 -12.44
N ASP B 44 16.49 -1.49 -13.50
N ASP B 44 16.50 -1.50 -13.49
CA ASP B 44 17.34 -0.58 -14.25
CA ASP B 44 17.33 -0.60 -14.29
C ASP B 44 16.53 0.51 -14.92
C ASP B 44 16.47 0.53 -14.84
N GLN B 45 15.35 0.16 -15.45
CA GLN B 45 14.46 1.15 -16.07
C GLN B 45 13.94 2.16 -15.06
N LEU B 46 13.66 1.71 -13.84
CA LEU B 46 13.16 2.61 -12.81
C LEU B 46 14.28 3.54 -12.36
N GLN B 47 15.45 2.98 -12.07
CA GLN B 47 16.53 3.84 -11.58
C GLN B 47 17.04 4.80 -12.62
N ASP B 48 16.96 4.43 -13.89
CA ASP B 48 17.40 5.34 -14.95
CA ASP B 48 17.36 5.31 -14.99
C ASP B 48 16.52 6.59 -15.00
N LYS B 49 15.34 6.52 -14.41
CA LYS B 49 14.44 7.68 -14.38
C LYS B 49 14.72 8.58 -13.17
N ASP B 50 15.76 8.24 -12.41
CA ASP B 50 16.13 9.03 -11.22
C ASP B 50 17.59 9.48 -11.31
N PRO B 51 17.90 10.31 -12.34
CA PRO B 51 19.31 10.72 -12.48
C PRO B 51 19.82 11.60 -11.34
N ALA B 52 18.92 12.22 -10.59
CA ALA B 52 19.34 13.01 -9.44
C ALA B 52 19.68 12.15 -8.23
N ARG B 53 19.46 10.84 -8.36
CA ARG B 53 19.79 9.87 -7.30
CA ARG B 53 19.79 9.87 -7.30
C ARG B 53 19.05 10.15 -5.99
N ILE B 54 17.86 10.71 -6.08
CA ILE B 54 17.07 10.98 -4.89
C ILE B 54 16.70 9.68 -4.15
N PHE B 55 16.46 8.62 -4.91
CA PHE B 55 16.02 7.34 -4.33
C PHE B 55 17.08 6.25 -4.42
N ALA B 56 18.32 6.62 -4.71
CA ALA B 56 19.36 5.62 -5.00
C ALA B 56 19.87 4.89 -3.77
N GLN B 57 19.91 5.58 -2.64
CA GLN B 57 20.50 5.08 -1.39
C GLN B 57 19.56 5.37 -0.24
N PRO B 58 19.72 4.64 0.87
CA PRO B 58 18.91 4.94 2.06
C PRO B 58 19.06 6.39 2.46
N VAL B 59 17.96 6.98 2.94
CA VAL B 59 18.02 8.33 3.49
C VAL B 59 19.02 8.33 4.66
N SER B 60 19.88 9.35 4.69
CA SER B 60 20.89 9.48 5.73
C SER B 60 20.34 10.07 7.02
N LEU B 61 20.48 9.36 8.13
CA LEU B 61 20.04 9.91 9.41
C LEU B 61 20.93 11.06 9.86
N LYS B 62 22.17 11.10 9.36
CA LYS B 62 23.03 12.24 9.61
C LYS B 62 22.47 13.49 8.92
N GLU B 63 21.98 13.32 7.69
CA GLU B 63 21.40 14.44 6.95
C GLU B 63 19.96 14.73 7.39
N VAL B 64 19.24 13.66 7.77
CA VAL B 64 17.83 13.79 8.10
C VAL B 64 17.53 13.08 9.43
N PRO B 65 17.86 13.73 10.55
CA PRO B 65 17.83 13.10 11.86
C PRO B 65 16.45 12.57 12.31
N ASP B 66 15.36 13.15 11.82
CA ASP B 66 14.05 12.73 12.30
C ASP B 66 13.35 11.75 11.36
N TYR B 67 14.06 11.24 10.36
CA TYR B 67 13.40 10.43 9.32
C TYR B 67 12.67 9.21 9.87
N LEU B 68 13.31 8.47 10.77
CA LEU B 68 12.71 7.25 11.29
C LEU B 68 11.65 7.51 12.37
N ASP B 69 11.53 8.76 12.84
CA ASP B 69 10.38 9.12 13.66
C ASP B 69 9.09 8.88 12.89
N HIS B 70 9.15 9.07 11.57
CA HIS B 70 7.96 9.08 10.74
C HIS B 70 7.87 7.90 9.77
N ILE B 71 9.02 7.45 9.30
CA ILE B 71 9.03 6.37 8.30
C ILE B 71 9.47 5.08 8.96
N LYS B 72 8.57 4.11 9.02
CA LYS B 72 8.85 2.90 9.77
C LYS B 72 9.50 1.80 8.94
N HIS B 73 9.34 1.86 7.62
CA HIS B 73 10.01 0.89 6.74
C HIS B 73 10.70 1.59 5.57
N PRO B 74 11.91 2.10 5.81
CA PRO B 74 12.66 2.78 4.75
C PRO B 74 12.96 1.86 3.57
N MET B 75 13.00 2.41 2.36
CA MET B 75 13.38 1.65 1.17
C MET B 75 14.05 2.57 0.15
N ASP B 76 14.84 1.96 -0.74
CA ASP B 76 15.64 2.68 -1.73
C ASP B 76 16.09 1.69 -2.78
N PHE B 77 16.59 2.19 -3.91
CA PHE B 77 16.93 1.32 -5.04
C PHE B 77 18.09 0.36 -4.73
N ALA B 78 19.07 0.82 -3.97
CA ALA B 78 20.22 -0.04 -3.67
C ALA B 78 19.77 -1.23 -2.82
N THR B 79 18.88 -0.96 -1.87
CA THR B 79 18.38 -2.00 -1.00
C THR B 79 17.54 -2.99 -1.83
N MET B 80 16.79 -2.49 -2.81
CA MET B 80 16.06 -3.39 -3.72
C MET B 80 17.02 -4.22 -4.57
N ARG B 81 18.10 -3.62 -5.03
CA ARG B 81 19.05 -4.34 -5.88
C ARG B 81 19.71 -5.48 -5.08
N LYS B 82 20.00 -5.20 -3.81
CA LYS B 82 20.58 -6.19 -2.92
C LYS B 82 19.65 -7.39 -2.75
N ARG B 83 18.36 -7.11 -2.49
CA ARG B 83 17.35 -8.15 -2.34
C ARG B 83 17.18 -8.95 -3.64
N LEU B 84 17.12 -8.24 -4.76
CA LEU B 84 17.00 -8.90 -6.07
C LEU B 84 18.16 -9.85 -6.36
N GLU B 85 19.40 -9.38 -6.21
CA GLU B 85 20.55 -10.19 -6.59
C GLU B 85 20.77 -11.33 -5.61
N ALA B 86 20.20 -11.20 -4.42
CA ALA B 86 20.29 -12.26 -3.40
C ALA B 86 19.18 -13.29 -3.53
N GLN B 87 18.40 -13.20 -4.60
CA GLN B 87 17.25 -14.07 -4.86
C GLN B 87 16.12 -13.91 -3.83
N GLY B 88 15.92 -12.69 -3.34
CA GLY B 88 14.91 -12.42 -2.32
C GLY B 88 13.53 -11.98 -2.78
N TYR B 89 13.34 -11.83 -4.09
CA TYR B 89 12.01 -11.55 -4.64
C TYR B 89 11.45 -12.84 -5.25
N LYS B 90 10.37 -13.34 -4.67
CA LYS B 90 9.74 -14.57 -5.13
C LYS B 90 8.87 -14.36 -6.35
N ASN B 91 8.37 -13.13 -6.50
CA ASN B 91 7.47 -12.77 -7.60
C ASN B 91 7.46 -11.27 -7.83
N LEU B 92 6.81 -10.83 -8.90
CA LEU B 92 6.77 -9.42 -9.26
C LEU B 92 6.07 -8.57 -8.20
N HIS B 93 5.04 -9.12 -7.57
CA HIS B 93 4.32 -8.36 -6.55
C HIS B 93 5.22 -7.94 -5.38
N GLU B 94 6.08 -8.84 -4.91
CA GLU B 94 6.99 -8.50 -3.82
C GLU B 94 7.91 -7.34 -4.21
N PHE B 95 8.37 -7.35 -5.47
CA PHE B 95 9.17 -6.26 -6.03
C PHE B 95 8.35 -4.96 -6.06
N GLU B 96 7.12 -5.04 -6.59
CA GLU B 96 6.24 -3.88 -6.65
CA GLU B 96 6.23 -3.89 -6.65
C GLU B 96 6.00 -3.27 -5.27
N GLU B 97 5.86 -4.11 -4.26
CA GLU B 97 5.65 -3.60 -2.90
C GLU B 97 6.82 -2.76 -2.40
N ASP B 98 8.05 -3.16 -2.73
CA ASP B 98 9.21 -2.38 -2.32
C ASP B 98 9.27 -1.06 -3.10
N PHE B 99 8.92 -1.08 -4.38
CA PHE B 99 8.89 0.16 -5.15
C PHE B 99 7.85 1.12 -4.55
N ASP B 100 6.68 0.57 -4.22
CA ASP B 100 5.65 1.42 -3.61
C ASP B 100 6.13 2.02 -2.29
N LEU B 101 6.96 1.30 -1.54
CA LEU B 101 7.50 1.84 -0.30
C LEU B 101 8.34 3.09 -0.58
N ILE B 102 9.19 3.01 -1.60
CA ILE B 102 10.03 4.15 -1.95
C ILE B 102 9.17 5.39 -2.21
N ILE B 103 8.14 5.22 -3.05
CA ILE B 103 7.24 6.30 -3.42
C ILE B 103 6.44 6.80 -2.21
N ASP B 104 5.83 5.87 -1.50
CA ASP B 104 4.94 6.23 -0.39
C ASP B 104 5.69 6.90 0.74
N ASN B 105 6.88 6.40 1.07
CA ASN B 105 7.69 7.02 2.13
C ASN B 105 8.01 8.46 1.79
N CYS B 106 8.35 8.69 0.52
CA CYS B 106 8.70 10.03 0.08
C CYS B 106 7.49 10.97 0.12
N MET B 107 6.33 10.49 -0.32
CA MET B 107 5.13 11.32 -0.29
C MET B 107 4.64 11.58 1.14
N LYS B 108 4.91 10.63 2.04
CA LYS B 108 4.52 10.80 3.44
CA LYS B 108 4.55 10.80 3.45
C LYS B 108 5.47 11.76 4.17
N TYR B 109 6.77 11.64 3.93
CA TYR B 109 7.75 12.47 4.63
C TYR B 109 7.77 13.92 4.14
N ASN B 110 7.60 14.11 2.84
CA ASN B 110 7.72 15.45 2.27
C ASN B 110 6.36 16.11 2.02
N ALA B 111 6.29 17.42 2.24
CA ALA B 111 5.08 18.17 1.90
C ALA B 111 4.82 18.16 0.39
N ARG B 112 3.56 18.28 -0.02
CA ARG B 112 3.27 18.12 -1.44
C ARG B 112 3.91 19.20 -2.32
N ASP B 113 4.06 20.41 -1.81
CA ASP B 113 4.65 21.48 -2.61
C ASP B 113 6.16 21.50 -2.42
N THR B 114 6.83 20.40 -2.76
CA THR B 114 8.28 20.28 -2.65
C THR B 114 8.83 19.54 -3.87
N VAL B 115 10.12 19.71 -4.12
CA VAL B 115 10.77 19.07 -5.25
C VAL B 115 10.78 17.55 -5.06
N PHE B 116 11.09 17.09 -3.84
CA PHE B 116 11.18 15.64 -3.62
C PHE B 116 9.81 14.96 -3.73
N TYR B 117 8.75 15.60 -3.22
CA TYR B 117 7.41 15.01 -3.36
C TYR B 117 7.04 14.93 -4.84
N ARG B 118 7.28 15.99 -5.60
CA ARG B 118 6.94 15.96 -7.00
C ARG B 118 7.78 14.90 -7.73
N ALA B 119 9.00 14.65 -7.24
CA ALA B 119 9.83 13.62 -7.87
C ALA B 119 9.19 12.24 -7.66
N ALA B 120 8.68 12.00 -6.46
CA ALA B 120 7.99 10.73 -6.17
C ALA B 120 6.76 10.53 -7.05
N VAL B 121 5.99 11.60 -7.24
CA VAL B 121 4.80 11.52 -8.07
C VAL B 121 5.19 11.23 -9.53
N ARG B 122 6.25 11.88 -9.99
CA ARG B 122 6.78 11.64 -11.33
C ARG B 122 7.21 10.20 -11.49
N LEU B 123 8.01 9.71 -10.56
CA LEU B 123 8.51 8.34 -10.63
C LEU B 123 7.37 7.31 -10.45
N ARG B 124 6.37 7.68 -9.65
CA ARG B 124 5.19 6.80 -9.49
C ARG B 124 4.47 6.58 -10.83
N ASP B 125 4.25 7.66 -11.58
CA ASP B 125 3.61 7.59 -12.91
C ASP B 125 4.43 6.76 -13.87
N GLN B 126 5.69 7.13 -13.99
CA GLN B 126 6.57 6.46 -14.93
C GLN B 126 6.71 5.00 -14.52
N GLY B 127 6.85 4.76 -13.22
CA GLY B 127 7.05 3.41 -12.71
C GLY B 127 5.82 2.55 -12.90
N GLY B 128 4.65 3.15 -12.76
CA GLY B 128 3.41 2.41 -12.94
C GLY B 128 3.33 1.80 -14.33
N VAL B 129 3.76 2.57 -15.32
CA VAL B 129 3.73 2.09 -16.68
C VAL B 129 4.71 0.93 -16.87
N VAL B 130 5.93 1.12 -16.37
CA VAL B 130 6.96 0.08 -16.45
C VAL B 130 6.46 -1.21 -15.81
N LEU B 131 5.84 -1.08 -14.64
CA LEU B 131 5.38 -2.25 -13.88
C LEU B 131 4.16 -2.91 -14.52
N ARG B 132 3.27 -2.13 -15.13
CA ARG B 132 2.15 -2.76 -15.82
C ARG B 132 2.65 -3.57 -17.02
N GLN B 133 3.68 -3.06 -17.68
CA GLN B 133 4.33 -3.78 -18.79
C GLN B 133 5.05 -5.03 -18.27
N ALA B 134 5.69 -4.91 -17.12
CA ALA B 134 6.34 -6.06 -16.50
C ALA B 134 5.32 -7.17 -16.19
N ARG B 135 4.11 -6.79 -15.79
CA ARG B 135 3.06 -7.78 -15.50
C ARG B 135 2.64 -8.50 -16.79
N ARG B 136 2.50 -7.74 -17.86
CA ARG B 136 2.23 -8.33 -19.18
C ARG B 136 3.32 -9.33 -19.57
N GLU B 137 4.57 -9.01 -19.26
CA GLU B 137 5.67 -9.90 -19.58
C GLU B 137 5.68 -11.15 -18.69
N VAL B 138 5.37 -10.99 -17.41
CA VAL B 138 5.23 -12.14 -16.52
C VAL B 138 4.20 -13.12 -17.09
N ASP B 139 3.07 -12.60 -17.53
CA ASP B 139 2.03 -13.46 -18.10
C ASP B 139 2.45 -14.09 -19.43
N SER B 140 3.10 -13.31 -20.29
CA SER B 140 3.52 -13.81 -21.61
C SER B 140 4.61 -14.88 -21.49
N ILE B 141 5.56 -14.67 -20.59
CA ILE B 141 6.67 -15.61 -20.42
C ILE B 141 6.25 -16.87 -19.65
N GLY B 142 5.22 -16.73 -18.81
CA GLY B 142 4.70 -17.83 -18.02
C GLY B 142 5.37 -18.03 -16.68
N LEU B 143 5.74 -16.92 -16.04
CA LEU B 143 6.50 -16.98 -14.79
C LEU B 143 5.68 -17.32 -13.55
N GLU B 144 4.36 -17.15 -13.62
CA GLU B 144 3.51 -17.51 -12.48
C GLU B 144 2.55 -18.65 -12.79
C1 EDO C . -7.66 16.95 2.07
O1 EDO C . -6.79 16.03 2.74
C2 EDO C . -7.69 18.28 2.82
O2 EDO C . -6.39 18.88 2.75
C1 EDO D . -8.24 14.70 5.26
O1 EDO D . -8.99 15.79 4.73
C2 EDO D . -8.84 13.38 4.79
O2 EDO D . -7.85 12.65 4.04
N1 8U4 E . -8.51 16.03 4.17
C4 8U4 E . -8.61 18.29 3.36
C5 8U4 E . -9.78 18.13 2.66
C6 8U4 E . -10.61 19.22 2.41
C7 8U4 E . -10.25 20.46 2.88
C8 8U4 E . -9.09 20.61 3.60
C1 8U4 E . -8.90 13.68 4.72
C2 8U4 E . -8.07 14.78 4.13
C3 8U4 E . -7.70 17.12 3.64
C9 8U4 E . -8.26 19.54 3.84
CL1 8U4 E . -8.62 22.16 4.23
O1 8U4 E . -6.99 14.53 3.59
NA NA F . 3.24 14.67 2.04
C1 EDO G . 12.65 11.81 0.96
O1 EDO G . 13.05 12.85 1.85
C2 EDO G . 13.74 11.50 -0.07
O2 EDO G . 13.58 10.16 -0.54
C1 EDO H . 3.29 -5.22 -10.86
O1 EDO H . 2.84 -6.33 -10.08
C2 EDO H . 2.25 -4.88 -11.93
O2 EDO H . 0.98 -5.41 -11.55
#